data_5DB0
#
_entry.id   5DB0
#
_cell.length_a   48.968
_cell.length_b   79.970
_cell.length_c   124.479
_cell.angle_alpha   90.00
_cell.angle_beta   90.00
_cell.angle_gamma   90.00
#
_symmetry.space_group_name_H-M   'P 21 21 21'
#
loop_
_entity.id
_entity.type
_entity.pdbx_description
1 polymer Menin
2 non-polymer 'TETRAETHYLENE GLYCOL'
3 non-polymer 'SULFATE ION'
4 non-polymer 'DIMETHYL SULFOXIDE'
5 non-polymer '1-[(2S)-2,3-dihydroxypropyl]-5-[(4-{[6-(2,2,2-trifluoroethyl)thieno[2,3-d]pyrimidin-4-yl]amino}piperidin-1-yl)methyl]-1 H-indole-2-carbonitrile'
6 non-polymer 1-[(2R)-2,3-dihydroxypropyl]-5-[(4-{[6-(2,2,2-trifluoroethyl)thieno[2,3-d]pyrimidin-4-yl]amino}piperidin-1-yl)methyl]-1H-indole-2-carbonitrile
7 water water
#
_entity_poly.entity_id   1
_entity_poly.type   'polypeptide(L)'
_entity_poly.pdbx_seq_one_letter_code
;GGSSSMGLKAAQKTLFPLRSIDDVVRLFAAELGREEPDLVLLSLVLGFVEHFLAVNRVGLTYFPVADLSIIAALYARFTA
QIRGAVDLSLYPREGGVSSRELVKKVSDVIWNSLSRSYFKDRAHIQSLFSFITGTKLDSSGVAFAVVGACQALGLRDVHL
ALSEDHAWVVFGPNGEQTAEVTWHGKGNEDRRGQTVNAGVAERSWLYLKGSYMRCDRKMEVAFMVCAINPSIDLHTDSLE
LLQLQQKLLWLLYDLGHLERYPMALGNLADLEELEPTPGRPDPLTLYHKGIASAKTYYRDEHIYPYMYLAGYHCRNRNVR
EALQAWADTATVIQDYNYCREDEEIYKEFFEVANDVIPNLLKEAASLLEAGSQGSALQDPECFAHLLRFYDGICKWEEGS
PTPVLHVGWATFLVQSLGRFEGQVRQKVRIVSVPAPAASPPPEGPVLTFQSEKMKGMKELLVATKINSSAIKLQLTAQSQ
VQMKKQKVS
;
_entity_poly.pdbx_strand_id   A
#
loop_
_chem_comp.id
_chem_comp.type
_chem_comp.name
_chem_comp.formula
58P non-polymer '1-[(2S)-2,3-dihydroxypropyl]-5-[(4-{[6-(2,2,2-trifluoroethyl)thieno[2,3-d]pyrimidin-4-yl]amino}piperidin-1-yl)methyl]-1 H-indole-2-carbonitrile' 'C26 H27 F3 N6 O2 S'
6E6 non-polymer 1-[(2R)-2,3-dihydroxypropyl]-5-[(4-{[6-(2,2,2-trifluoroethyl)thieno[2,3-d]pyrimidin-4-yl]amino}piperidin-1-yl)methyl]-1H-indole-2-carbonitrile 'C26 H27 F3 N6 O2 S'
DMS non-polymer 'DIMETHYL SULFOXIDE' 'C2 H6 O S'
PG4 non-polymer 'TETRAETHYLENE GLYCOL' 'C8 H18 O5'
SO4 non-polymer 'SULFATE ION' 'O4 S -2'
#
# COMPACT_ATOMS: atom_id res chain seq x y z
N GLY A 7 -2.76 26.27 16.39
CA GLY A 7 -3.38 27.40 17.16
C GLY A 7 -4.86 27.61 16.87
N LEU A 8 -5.24 28.02 15.65
CA LEU A 8 -4.29 28.40 14.57
C LEU A 8 -3.53 29.65 14.91
N LYS A 9 -2.27 29.64 14.55
CA LYS A 9 -1.36 30.71 14.85
C LYS A 9 -1.39 31.70 13.71
N ALA A 10 -1.14 32.97 14.02
CA ALA A 10 -1.11 34.03 13.03
C ALA A 10 -0.37 33.63 11.77
N ALA A 11 0.82 33.02 11.92
CA ALA A 11 1.68 32.68 10.79
C ALA A 11 1.09 31.58 9.91
N GLN A 12 0.21 30.77 10.47
CA GLN A 12 -0.45 29.75 9.67
C GLN A 12 -1.55 30.30 8.80
N LYS A 13 -1.98 31.53 9.06
CA LYS A 13 -3.15 32.08 8.40
C LYS A 13 -2.85 32.99 7.20
N THR A 14 -1.59 33.39 7.03
CA THR A 14 -1.24 34.48 6.09
C THR A 14 -1.34 34.09 4.63
N LEU A 15 -1.30 32.80 4.31
CA LEU A 15 -1.47 32.42 2.90
C LEU A 15 -2.91 32.37 2.39
N PHE A 16 -3.86 32.38 3.31
CA PHE A 16 -5.27 32.31 2.91
C PHE A 16 -5.70 33.65 2.31
N PRO A 17 -6.62 33.61 1.36
CA PRO A 17 -7.30 32.43 0.84
C PRO A 17 -6.46 31.63 -0.14
N LEU A 18 -6.66 30.33 -0.16
CA LEU A 18 -5.97 29.51 -1.13
C LEU A 18 -6.79 29.47 -2.39
N ARG A 19 -6.23 30.02 -3.49
CA ARG A 19 -7.00 30.19 -4.72
C ARG A 19 -6.63 29.26 -5.85
N SER A 20 -5.64 28.39 -5.61
CA SER A 20 -5.12 27.53 -6.63
C SER A 20 -4.37 26.36 -6.02
N ILE A 21 -4.10 25.39 -6.88
CA ILE A 21 -3.22 24.26 -6.56
C ILE A 21 -1.92 24.76 -5.99
N ASP A 22 -1.27 25.69 -6.67
CA ASP A 22 -0.02 26.18 -6.17
C ASP A 22 -0.11 26.88 -4.80
N ASP A 23 -1.23 27.55 -4.49
CA ASP A 23 -1.44 28.11 -3.13
C ASP A 23 -1.53 27.01 -2.07
N VAL A 24 -2.15 25.90 -2.43
CA VAL A 24 -2.17 24.74 -1.50
C VAL A 24 -0.72 24.22 -1.27
N VAL A 25 0.02 24.07 -2.37
CA VAL A 25 1.44 23.68 -2.28
C VAL A 25 2.20 24.63 -1.38
N ARG A 26 2.01 25.96 -1.51
CA ARG A 26 2.70 26.89 -0.65
C ARG A 26 2.35 26.65 0.84
N LEU A 27 1.08 26.35 1.13
CA LEU A 27 0.71 26.07 2.50
C LEU A 27 1.42 24.86 3.05
N PHE A 28 1.48 23.82 2.24
CA PHE A 28 2.21 22.64 2.65
C PHE A 28 3.69 22.91 2.87
N ALA A 29 4.29 23.71 2.01
CA ALA A 29 5.65 24.06 2.17
C ALA A 29 5.89 24.85 3.43
N ALA A 30 5.01 25.80 3.74
CA ALA A 30 5.12 26.55 4.93
C ALA A 30 5.02 25.68 6.15
N GLU A 31 4.00 24.81 6.17
CA GLU A 31 3.83 23.91 7.29
C GLU A 31 4.97 22.91 7.48
N LEU A 32 5.53 22.43 6.38
CA LEU A 32 6.63 21.48 6.49
C LEU A 32 7.90 22.18 6.97
N GLY A 33 7.97 23.49 6.82
CA GLY A 33 9.09 24.34 7.30
C GLY A 33 8.96 24.68 8.77
N ARG A 34 7.79 24.41 9.35
CA ARG A 34 7.58 24.64 10.78
CA ARG A 34 7.60 24.67 10.77
C ARG A 34 8.10 23.51 11.64
N GLU A 35 8.27 23.84 12.91
CA GLU A 35 8.73 22.92 13.91
C GLU A 35 7.96 21.59 13.77
N GLU A 36 6.62 21.65 13.76
CA GLU A 36 5.71 20.53 13.50
C GLU A 36 4.57 20.93 12.54
N PRO A 37 4.51 20.31 11.33
CA PRO A 37 3.39 20.62 10.48
C PRO A 37 2.07 20.29 11.15
N ASP A 38 1.05 21.12 10.89
CA ASP A 38 -0.24 20.97 11.54
C ASP A 38 -1.07 20.02 10.73
N LEU A 39 -1.13 18.77 11.22
CA LEU A 39 -1.85 17.73 10.52
C LEU A 39 -3.34 18.05 10.31
N VAL A 40 -3.93 18.63 11.34
CA VAL A 40 -5.37 18.94 11.30
C VAL A 40 -5.66 19.99 10.22
N LEU A 41 -4.90 21.07 10.22
CA LEU A 41 -5.03 22.10 9.21
C LEU A 41 -4.91 21.46 7.85
N LEU A 42 -3.83 20.68 7.65
CA LEU A 42 -3.54 20.19 6.30
C LEU A 42 -4.57 19.21 5.75
N SER A 43 -5.05 18.31 6.63
CA SER A 43 -6.05 17.38 6.26
C SER A 43 -7.39 18.03 5.97
N LEU A 44 -7.75 19.05 6.74
CA LEU A 44 -8.97 19.81 6.47
C LEU A 44 -8.89 20.52 5.11
N VAL A 45 -7.75 21.11 4.80
CA VAL A 45 -7.60 21.76 3.50
C VAL A 45 -7.67 20.73 2.37
N LEU A 46 -6.97 19.61 2.49
CA LEU A 46 -7.04 18.63 1.43
C LEU A 46 -8.45 18.11 1.25
N GLY A 47 -9.15 17.84 2.34
CA GLY A 47 -10.47 17.29 2.27
C GLY A 47 -11.48 18.26 1.70
N PHE A 48 -11.31 19.54 2.03
CA PHE A 48 -12.09 20.61 1.44
C PHE A 48 -11.91 20.66 -0.06
N VAL A 49 -10.67 20.73 -0.49
CA VAL A 49 -10.42 20.85 -1.95
C VAL A 49 -10.83 19.55 -2.68
N GLU A 50 -10.61 18.37 -2.09
CA GLU A 50 -11.08 17.13 -2.70
C GLU A 50 -12.60 17.09 -2.79
N HIS A 51 -13.29 17.54 -1.74
CA HIS A 51 -14.74 17.54 -1.78
C HIS A 51 -15.25 18.30 -3.03
N PHE A 52 -14.69 19.50 -3.22
CA PHE A 52 -15.18 20.44 -4.26
C PHE A 52 -14.54 20.21 -5.62
N LEU A 53 -13.58 19.27 -5.70
CA LEU A 53 -13.05 18.84 -6.98
C LEU A 53 -13.44 17.46 -7.39
N ALA A 54 -13.87 16.59 -6.50
CA ALA A 54 -14.19 15.22 -6.84
C ALA A 54 -15.57 14.80 -6.37
N VAL A 55 -16.04 15.28 -5.24
CA VAL A 55 -17.35 14.84 -4.73
C VAL A 55 -18.48 15.68 -5.32
N ASN A 56 -18.34 16.98 -5.28
CA ASN A 56 -19.34 17.92 -5.83
C ASN A 56 -18.64 19.05 -6.58
N ARG A 57 -18.61 18.95 -7.90
CA ARG A 57 -18.05 19.95 -8.78
C ARG A 57 -19.04 20.98 -9.32
N VAL A 58 -20.22 21.01 -8.75
CA VAL A 58 -21.18 22.02 -9.17
C VAL A 58 -20.68 23.39 -8.93
N GLY A 59 -20.67 24.21 -9.96
CA GLY A 59 -20.25 25.55 -9.75
C GLY A 59 -18.77 25.77 -9.98
N LEU A 60 -18.03 24.72 -10.14
CA LEU A 60 -16.57 24.85 -10.25
C LEU A 60 -16.23 25.62 -11.52
N THR A 61 -15.34 26.62 -11.41
CA THR A 61 -14.84 27.33 -12.57
C THR A 61 -13.36 27.24 -12.75
N TYR A 62 -12.61 26.98 -11.66
CA TYR A 62 -11.15 26.84 -11.75
C TYR A 62 -10.67 26.03 -10.53
N PHE A 63 -10.89 26.56 -9.35
CA PHE A 63 -10.41 25.94 -8.15
C PHE A 63 -11.28 26.38 -7.01
N PRO A 64 -11.64 25.47 -6.10
CA PRO A 64 -12.51 25.84 -4.98
C PRO A 64 -11.73 26.68 -3.96
N VAL A 65 -11.96 27.97 -3.92
CA VAL A 65 -11.20 28.84 -3.08
C VAL A 65 -11.45 28.46 -1.61
N ALA A 66 -10.37 28.26 -0.88
CA ALA A 66 -10.43 27.91 0.54
C ALA A 66 -10.17 29.20 1.33
N ASP A 67 -11.26 29.74 1.83
CA ASP A 67 -11.22 30.94 2.65
C ASP A 67 -10.83 30.61 4.08
N LEU A 68 -10.07 31.48 4.71
CA LEU A 68 -9.68 31.26 6.09
C LEU A 68 -10.87 31.09 7.00
N SER A 69 -11.91 31.89 6.85
CA SER A 69 -13.05 31.76 7.73
C SER A 69 -13.63 30.35 7.70
N ILE A 70 -13.74 29.74 6.53
CA ILE A 70 -14.28 28.41 6.33
C ILE A 70 -13.35 27.38 6.96
N ILE A 71 -12.08 27.46 6.64
CA ILE A 71 -11.14 26.49 7.17
C ILE A 71 -11.00 26.63 8.66
N ALA A 72 -10.92 27.86 9.16
CA ALA A 72 -10.78 28.05 10.57
C ALA A 72 -12.01 27.54 11.31
N ALA A 73 -13.18 27.64 10.73
CA ALA A 73 -14.38 27.16 11.44
C ALA A 73 -14.37 25.63 11.53
N LEU A 74 -13.99 24.97 10.45
CA LEU A 74 -13.83 23.48 10.47
C LEU A 74 -12.78 23.08 11.52
N TYR A 75 -11.67 23.79 11.56
CA TYR A 75 -10.58 23.53 12.53
C TYR A 75 -11.09 23.66 13.93
N ALA A 76 -11.90 24.71 14.18
CA ALA A 76 -12.51 24.93 15.48
C ALA A 76 -13.45 23.83 15.84
N ARG A 77 -14.21 23.29 14.90
CA ARG A 77 -15.13 22.20 15.23
C ARG A 77 -14.34 20.98 15.69
N PHE A 78 -13.21 20.74 15.02
CA PHE A 78 -12.39 19.59 15.40
C PHE A 78 -11.75 19.74 16.73
N THR A 79 -11.11 20.87 16.95
CA THR A 79 -10.39 21.04 18.22
C THR A 79 -11.39 21.13 19.37
N ALA A 80 -12.57 21.74 19.15
CA ALA A 80 -13.59 21.76 20.22
C ALA A 80 -14.07 20.36 20.57
N GLN A 81 -14.26 19.51 19.55
CA GLN A 81 -14.74 18.18 19.79
C GLN A 81 -13.71 17.38 20.60
N ILE A 82 -12.42 17.54 20.28
CA ILE A 82 -11.39 16.74 20.97
C ILE A 82 -11.11 17.28 22.36
N ARG A 83 -10.93 18.59 22.47
CA ARG A 83 -10.59 19.19 23.76
C ARG A 83 -11.73 19.03 24.77
N GLY A 84 -12.95 19.08 24.29
CA GLY A 84 -14.12 18.91 25.13
C GLY A 84 -14.22 17.48 25.68
N ALA A 85 -13.83 16.48 24.87
CA ALA A 85 -14.10 15.10 25.20
C ALA A 85 -12.93 14.43 25.89
N VAL A 86 -11.73 14.96 25.73
CA VAL A 86 -10.52 14.37 26.33
C VAL A 86 -9.94 15.36 27.36
N ASP A 87 -10.16 15.06 28.63
CA ASP A 87 -9.59 15.81 29.71
C ASP A 87 -8.23 15.25 30.06
N LEU A 88 -7.19 15.98 29.65
CA LEU A 88 -5.83 15.58 29.89
C LEU A 88 -5.43 15.43 31.33
N SER A 89 -6.14 16.12 32.23
CA SER A 89 -5.84 16.03 33.66
C SER A 89 -6.11 14.65 34.24
N LEU A 90 -6.93 13.84 33.57
CA LEU A 90 -7.26 12.51 34.02
C LEU A 90 -6.16 11.52 33.66
N TYR A 91 -5.21 11.97 32.82
CA TYR A 91 -4.14 11.13 32.22
C TYR A 91 -2.78 11.81 32.30
N PRO A 92 -2.23 11.95 33.52
CA PRO A 92 -1.01 12.75 33.68
C PRO A 92 0.13 12.21 32.83
N ARG A 93 0.91 13.07 32.18
CA ARG A 93 2.00 12.61 31.33
C ARG A 93 3.31 12.57 32.08
N GLU A 94 3.78 11.37 32.38
CA GLU A 94 5.12 11.17 32.89
C GLU A 94 6.09 11.13 31.72
N GLY A 95 6.96 12.14 31.61
CA GLY A 95 8.15 12.08 30.75
C GLY A 95 8.06 12.78 29.41
N GLY A 96 7.08 13.67 29.29
CA GLY A 96 6.68 14.21 28.02
C GLY A 96 6.13 13.10 27.12
N VAL A 97 5.67 11.98 27.72
CA VAL A 97 5.07 10.89 26.91
C VAL A 97 3.69 10.44 27.40
N SER A 98 2.93 9.88 26.46
CA SER A 98 1.58 9.54 26.63
C SER A 98 1.40 8.13 27.17
N SER A 99 0.25 7.88 27.76
CA SER A 99 -0.12 6.59 28.29
C SER A 99 -1.07 5.84 27.37
N ARG A 100 -1.13 4.52 27.55
CA ARG A 100 -1.99 3.71 26.76
C ARG A 100 -3.46 4.10 26.95
N GLU A 101 -3.81 4.46 28.18
CA GLU A 101 -5.19 4.89 28.48
C GLU A 101 -5.60 6.14 27.75
N LEU A 102 -4.67 7.06 27.65
CA LEU A 102 -4.91 8.32 26.92
C LEU A 102 -5.10 8.04 25.45
N VAL A 103 -4.20 7.22 24.87
CA VAL A 103 -4.36 6.86 23.46
C VAL A 103 -5.68 6.19 23.19
N LYS A 104 -6.08 5.25 24.05
CA LYS A 104 -7.37 4.59 23.92
C LYS A 104 -8.52 5.57 24.03
N LYS A 105 -8.43 6.52 24.92
CA LYS A 105 -9.46 7.53 25.07
C LYS A 105 -9.61 8.32 23.78
N VAL A 106 -8.52 8.71 23.20
CA VAL A 106 -8.64 9.51 21.96
C VAL A 106 -9.22 8.67 20.83
N SER A 107 -8.82 7.40 20.76
CA SER A 107 -9.38 6.49 19.80
C SER A 107 -10.90 6.33 19.98
N ASP A 108 -11.33 6.16 21.25
CA ASP A 108 -12.73 6.07 21.55
C ASP A 108 -13.52 7.31 21.14
N VAL A 109 -12.92 8.49 21.36
CA VAL A 109 -13.57 9.75 21.00
C VAL A 109 -13.81 9.80 19.51
N ILE A 110 -12.81 9.43 18.71
CA ILE A 110 -13.02 9.42 17.27
C ILE A 110 -14.05 8.39 16.81
N TRP A 111 -13.86 7.17 17.27
CA TRP A 111 -14.74 6.06 16.95
C TRP A 111 -16.20 6.37 17.30
N ASN A 112 -16.42 6.86 18.50
CA ASN A 112 -17.78 7.12 18.99
C ASN A 112 -18.46 8.28 18.25
N SER A 113 -17.70 9.09 17.50
CA SER A 113 -18.26 10.22 16.75
C SER A 113 -18.75 9.80 15.38
N LEU A 114 -18.42 8.60 14.94
CA LEU A 114 -18.73 8.15 13.59
C LEU A 114 -20.19 7.76 13.44
N SER A 115 -20.73 8.03 12.26
CA SER A 115 -22.06 7.54 11.90
C SER A 115 -22.18 6.06 12.14
N ARG A 116 -23.39 5.68 12.55
CA ARG A 116 -23.69 4.32 12.98
C ARG A 116 -23.56 3.31 11.85
N SER A 117 -23.92 3.71 10.65
CA SER A 117 -24.03 2.78 9.54
C SER A 117 -23.61 3.55 8.31
N TYR A 118 -22.58 3.04 7.63
CA TYR A 118 -22.17 3.60 6.34
C TYR A 118 -21.23 2.65 5.63
N PHE A 119 -21.00 2.91 4.34
CA PHE A 119 -20.07 2.07 3.56
C PHE A 119 -18.63 2.50 3.82
N LYS A 120 -17.86 1.61 4.44
CA LYS A 120 -16.53 1.95 4.97
C LYS A 120 -15.48 2.00 3.90
N ASP A 121 -15.79 1.41 2.74
CA ASP A 121 -14.89 1.27 1.60
C ASP A 121 -15.11 2.36 0.55
N ARG A 122 -15.94 3.34 0.85
CA ARG A 122 -16.14 4.36 -0.16
C ARG A 122 -14.99 5.34 -0.26
N ALA A 123 -14.96 6.04 -1.38
CA ALA A 123 -13.97 7.05 -1.60
C ALA A 123 -14.31 8.33 -0.88
N HIS A 124 -13.28 9.11 -0.62
CA HIS A 124 -13.40 10.43 -0.10
C HIS A 124 -13.89 10.50 1.34
N ILE A 125 -13.60 9.47 2.13
CA ILE A 125 -13.93 9.51 3.56
C ILE A 125 -12.64 9.32 4.38
N GLN A 126 -11.52 9.83 3.86
CA GLN A 126 -10.22 9.62 4.48
C GLN A 126 -9.76 10.76 5.36
N SER A 127 -10.29 11.97 5.14
CA SER A 127 -9.76 13.22 5.71
C SER A 127 -10.54 13.72 6.88
N LEU A 128 -10.01 14.67 7.61
CA LEU A 128 -10.76 15.29 8.70
C LEU A 128 -11.95 16.09 8.15
N PHE A 129 -11.90 16.51 6.88
CA PHE A 129 -13.09 17.17 6.30
C PHE A 129 -14.26 16.20 6.33
N SER A 130 -14.04 14.94 5.99
CA SER A 130 -15.08 13.93 6.02
C SER A 130 -15.54 13.65 7.43
N PHE A 131 -14.62 13.58 8.37
CA PHE A 131 -14.95 13.34 9.76
C PHE A 131 -15.86 14.44 10.29
N ILE A 132 -15.53 15.69 9.98
CA ILE A 132 -16.31 16.83 10.53
C ILE A 132 -17.65 16.98 9.81
N THR A 133 -17.65 16.96 8.51
CA THR A 133 -18.87 17.28 7.75
C THR A 133 -19.78 16.08 7.52
N GLY A 134 -19.24 14.87 7.55
CA GLY A 134 -19.99 13.65 7.24
C GLY A 134 -20.01 12.64 8.36
N THR A 135 -19.28 12.89 9.44
CA THR A 135 -19.06 11.90 10.49
C THR A 135 -18.71 10.51 9.96
N LYS A 136 -17.86 10.49 8.95
CA LYS A 136 -17.43 9.26 8.29
C LYS A 136 -15.93 9.24 8.08
N LEU A 137 -15.32 8.11 8.43
CA LEU A 137 -13.92 7.83 8.14
C LEU A 137 -13.73 6.40 7.72
N ASP A 138 -12.78 6.18 6.85
CA ASP A 138 -12.36 4.81 6.52
C ASP A 138 -11.38 4.32 7.58
N SER A 139 -10.96 3.05 7.49
CA SER A 139 -10.19 2.45 8.58
C SER A 139 -8.93 3.23 8.89
N SER A 140 -8.07 3.50 7.87
CA SER A 140 -6.84 4.17 8.19
C SER A 140 -7.07 5.65 8.51
N GLY A 141 -8.19 6.18 8.00
CA GLY A 141 -8.60 7.51 8.34
C GLY A 141 -8.82 7.71 9.82
N VAL A 142 -9.36 6.71 10.46
CA VAL A 142 -9.51 6.78 11.93
C VAL A 142 -8.16 6.84 12.63
N ALA A 143 -7.20 6.03 12.18
CA ALA A 143 -5.85 6.14 12.76
C ALA A 143 -5.23 7.48 12.57
N PHE A 144 -5.35 8.04 11.35
CA PHE A 144 -4.79 9.36 11.09
C PHE A 144 -5.45 10.42 11.98
N ALA A 145 -6.76 10.29 12.12
CA ALA A 145 -7.50 11.25 12.95
C ALA A 145 -7.11 11.18 14.44
N VAL A 146 -6.83 9.98 14.92
CA VAL A 146 -6.31 9.84 16.26
C VAL A 146 -4.98 10.55 16.41
N VAL A 147 -4.07 10.39 15.45
CA VAL A 147 -2.81 11.07 15.49
C VAL A 147 -2.96 12.60 15.38
N GLY A 148 -3.85 13.08 14.52
CA GLY A 148 -4.13 14.52 14.48
C GLY A 148 -4.68 15.07 15.75
N ALA A 149 -5.61 14.34 16.34
CA ALA A 149 -6.20 14.70 17.63
C ALA A 149 -5.10 14.77 18.70
N CYS A 150 -4.27 13.74 18.76
CA CYS A 150 -3.14 13.76 19.71
C CYS A 150 -2.22 14.92 19.48
N GLN A 151 -1.90 15.25 18.24
CA GLN A 151 -1.09 16.43 18.02
C GLN A 151 -1.78 17.71 18.53
N ALA A 152 -3.07 17.82 18.27
CA ALA A 152 -3.83 18.99 18.69
C ALA A 152 -3.80 19.13 20.22
N LEU A 153 -3.79 17.98 20.89
CA LEU A 153 -3.71 17.90 22.38
C LEU A 153 -2.32 18.12 22.94
N GLY A 154 -1.32 18.26 22.09
CA GLY A 154 0.05 18.44 22.51
C GLY A 154 0.83 17.17 22.81
N LEU A 155 0.36 16.04 22.28
CA LEU A 155 0.95 14.74 22.60
C LEU A 155 1.98 14.39 21.50
N ARG A 156 3.17 14.95 21.65
CA ARG A 156 4.17 14.98 20.56
C ARG A 156 4.69 13.57 20.27
N ASP A 157 4.52 12.63 21.21
CA ASP A 157 5.05 11.28 21.06
C ASP A 157 4.13 10.33 20.28
N VAL A 158 2.88 10.67 20.01
CA VAL A 158 1.95 9.79 19.31
C VAL A 158 2.13 9.95 17.82
N HIS A 159 2.46 8.84 17.17
CA HIS A 159 2.74 8.82 15.73
C HIS A 159 2.04 7.68 15.04
N LEU A 160 1.79 7.89 13.77
CA LEU A 160 1.16 6.90 12.91
C LEU A 160 2.14 5.79 12.54
N ALA A 161 1.66 4.55 12.68
CA ALA A 161 2.36 3.39 12.25
C ALA A 161 1.57 2.76 11.09
N LEU A 162 2.29 2.33 10.05
CA LEU A 162 1.65 1.87 8.84
C LEU A 162 2.28 0.58 8.36
N SER A 163 1.46 -0.40 8.05
CA SER A 163 1.90 -1.52 7.23
C SER A 163 1.37 -1.37 5.83
N GLU A 164 1.44 -2.42 5.04
CA GLU A 164 0.93 -2.31 3.69
C GLU A 164 -0.61 -2.51 3.57
N ASP A 165 -1.26 -2.84 4.66
CA ASP A 165 -2.72 -2.92 4.68
C ASP A 165 -3.36 -2.53 6.01
N HIS A 166 -2.62 -1.86 6.88
CA HIS A 166 -3.17 -1.49 8.18
C HIS A 166 -2.42 -0.30 8.78
N ALA A 167 -3.06 0.33 9.75
CA ALA A 167 -2.54 1.49 10.41
C ALA A 167 -2.87 1.42 11.91
N TRP A 168 -1.93 1.92 12.71
CA TRP A 168 -2.11 1.98 14.17
C TRP A 168 -1.19 3.08 14.67
N VAL A 169 -1.02 3.24 15.99
CA VAL A 169 -0.11 4.21 16.50
C VAL A 169 1.04 3.66 17.33
N VAL A 170 2.12 4.41 17.35
CA VAL A 170 3.22 4.26 18.30
C VAL A 170 3.24 5.41 19.25
N PHE A 171 3.77 5.21 20.45
CA PHE A 171 3.76 6.27 21.45
C PHE A 171 4.63 5.83 22.60
N GLY A 172 4.74 6.68 23.60
CA GLY A 172 5.24 6.23 24.91
C GLY A 172 6.74 6.42 24.98
N PRO A 173 7.37 5.81 26.00
CA PRO A 173 8.79 5.90 26.21
C PRO A 173 9.55 5.45 25.01
N ASN A 174 10.41 6.33 24.47
CA ASN A 174 11.16 6.06 23.24
C ASN A 174 10.33 5.74 22.00
N GLY A 175 9.04 6.06 22.06
CA GLY A 175 8.08 5.70 21.04
C GLY A 175 7.99 4.20 20.80
N GLU A 176 8.22 3.42 21.85
CA GLU A 176 8.34 2.00 21.71
C GLU A 176 7.05 1.23 21.92
N GLN A 177 6.01 1.87 22.42
CA GLN A 177 4.71 1.24 22.55
C GLN A 177 3.91 1.23 21.27
N THR A 178 3.11 0.21 21.06
CA THR A 178 2.14 0.19 19.97
C THR A 178 0.74 0.10 20.52
N ALA A 179 -0.22 0.72 19.85
CA ALA A 179 -1.61 0.53 20.15
C ALA A 179 -2.46 0.49 18.87
N GLU A 180 -3.35 -0.47 18.81
CA GLU A 180 -4.43 -0.48 17.81
C GLU A 180 -5.36 0.67 18.14
N VAL A 181 -5.77 1.38 17.10
CA VAL A 181 -6.77 2.48 17.28
C VAL A 181 -7.90 2.44 16.30
N THR A 182 -7.89 1.54 15.34
CA THR A 182 -8.95 1.37 14.34
C THR A 182 -9.23 -0.10 14.06
N TRP A 183 -10.16 -0.37 13.17
CA TRP A 183 -10.48 -1.69 12.74
C TRP A 183 -9.62 -2.10 11.57
N HIS A 184 -9.63 -3.41 11.29
CA HIS A 184 -9.01 -3.91 10.09
C HIS A 184 -9.95 -4.84 9.37
N GLY A 185 -10.18 -4.58 8.11
CA GLY A 185 -10.94 -5.45 7.26
C GLY A 185 -12.38 -5.46 7.65
N LYS A 186 -13.04 -6.58 7.35
CA LYS A 186 -14.47 -6.74 7.47
C LYS A 186 -14.64 -8.00 8.27
N GLY A 187 -15.35 -7.93 9.38
CA GLY A 187 -15.71 -9.14 10.12
C GLY A 187 -14.56 -9.74 10.90
N ASN A 188 -13.54 -8.91 11.15
CA ASN A 188 -12.50 -9.22 12.13
C ASN A 188 -12.87 -8.49 13.43
N GLU A 189 -12.63 -9.10 14.57
CA GLU A 189 -12.97 -8.50 15.83
C GLU A 189 -11.92 -7.47 16.08
N ASP A 190 -12.33 -6.28 16.54
CA ASP A 190 -11.35 -5.22 16.75
C ASP A 190 -10.47 -5.47 18.00
N ARG A 191 -9.27 -4.92 17.93
CA ARG A 191 -8.27 -5.15 18.99
C ARG A 191 -7.82 -3.81 19.53
N ARG A 192 -8.69 -2.79 19.46
CA ARG A 192 -8.34 -1.44 19.83
C ARG A 192 -7.81 -1.39 21.25
N GLY A 193 -6.70 -0.69 21.44
CA GLY A 193 -6.07 -0.61 22.75
C GLY A 193 -4.96 -1.60 22.93
N GLN A 194 -4.88 -2.64 22.12
CA GLN A 194 -3.88 -3.70 22.32
C GLN A 194 -2.64 -3.35 21.54
N THR A 195 -1.56 -4.02 21.86
CA THR A 195 -0.35 -3.95 21.06
C THR A 195 -0.49 -4.73 19.77
N VAL A 196 0.49 -4.54 18.88
CA VAL A 196 0.60 -5.36 17.71
C VAL A 196 1.59 -6.55 17.83
N ASN A 197 2.03 -6.83 19.06
CA ASN A 197 3.03 -7.89 19.23
C ASN A 197 2.65 -9.28 18.80
N ALA A 198 1.42 -9.72 18.99
CA ALA A 198 1.02 -11.04 18.56
C ALA A 198 1.14 -11.14 17.06
N GLY A 199 0.73 -10.07 16.37
CA GLY A 199 0.82 -10.12 14.87
C GLY A 199 2.25 -10.08 14.35
N VAL A 200 3.12 -9.34 14.99
CA VAL A 200 4.52 -9.33 14.64
C VAL A 200 5.10 -10.76 14.89
N ALA A 201 4.79 -11.30 16.07
CA ALA A 201 5.33 -12.61 16.44
C ALA A 201 4.86 -13.74 15.51
N GLU A 202 3.68 -13.64 14.96
CA GLU A 202 3.20 -14.70 14.09
C GLU A 202 3.72 -14.57 12.67
N ARG A 203 4.50 -13.53 12.42
CA ARG A 203 5.12 -13.30 11.10
C ARG A 203 4.09 -13.18 9.98
N SER A 204 2.94 -12.58 10.28
CA SER A 204 1.97 -12.25 9.26
C SER A 204 2.48 -11.11 8.36
N TRP A 205 1.95 -11.06 7.14
CA TRP A 205 2.25 -9.92 6.28
C TRP A 205 1.64 -8.65 6.86
N LEU A 206 0.49 -8.75 7.55
CA LEU A 206 -0.19 -7.53 8.03
C LEU A 206 0.71 -6.67 8.93
N TYR A 207 1.58 -7.32 9.71
CA TYR A 207 2.45 -6.59 10.60
C TYR A 207 3.93 -6.56 10.18
N LEU A 208 4.19 -7.07 8.97
CA LEU A 208 5.47 -6.98 8.30
C LEU A 208 6.66 -7.44 9.11
N LYS A 209 6.47 -8.42 10.02
CA LYS A 209 7.53 -8.92 10.89
C LYS A 209 8.16 -7.80 11.74
N GLY A 210 7.41 -6.74 11.95
CA GLY A 210 7.91 -5.58 12.66
C GLY A 210 8.57 -4.50 11.84
N SER A 211 8.75 -4.78 10.55
CA SER A 211 9.38 -3.82 9.61
C SER A 211 8.34 -2.89 8.95
N TYR A 212 7.41 -2.42 9.78
CA TYR A 212 6.39 -1.46 9.37
C TYR A 212 6.95 -0.03 9.51
N MET A 213 6.22 0.92 8.97
CA MET A 213 6.62 2.30 8.99
C MET A 213 6.24 2.94 10.32
N ARG A 214 7.20 3.63 10.94
CA ARG A 214 6.98 4.42 12.16
C ARG A 214 7.15 5.86 11.75
N CYS A 215 6.04 6.54 11.52
CA CYS A 215 6.09 7.87 10.91
C CYS A 215 6.60 8.92 11.88
N ASP A 216 7.34 9.86 11.37
CA ASP A 216 7.46 11.17 11.98
C ASP A 216 6.37 12.10 11.42
N ARG A 217 6.31 13.35 11.89
CA ARG A 217 5.26 14.22 11.42
C ARG A 217 5.28 14.46 9.93
N LYS A 218 6.47 14.48 9.35
CA LYS A 218 6.59 14.74 7.94
C LYS A 218 6.07 13.57 7.13
N MET A 219 6.32 12.34 7.61
CA MET A 219 5.77 11.15 6.96
C MET A 219 4.25 11.08 7.12
N GLU A 220 3.71 11.63 8.21
CA GLU A 220 2.27 11.70 8.34
C GLU A 220 1.66 12.67 7.34
N VAL A 221 2.39 13.75 7.02
CA VAL A 221 1.99 14.58 5.89
C VAL A 221 2.03 13.81 4.59
N ALA A 222 3.10 13.04 4.36
CA ALA A 222 3.18 12.26 3.18
C ALA A 222 2.02 11.26 3.09
N PHE A 223 1.62 10.71 4.21
CA PHE A 223 0.50 9.77 4.21
C PHE A 223 -0.81 10.45 3.72
N MET A 224 -1.10 11.62 4.26
CA MET A 224 -2.34 12.31 3.86
C MET A 224 -2.30 12.70 2.39
N VAL A 225 -1.09 12.97 1.86
CA VAL A 225 -0.94 13.26 0.43
C VAL A 225 -1.18 12.02 -0.41
N CYS A 226 -0.60 10.90 -0.01
CA CYS A 226 -0.90 9.63 -0.67
C CYS A 226 -2.40 9.32 -0.61
N ALA A 227 -3.04 9.67 0.51
CA ALA A 227 -4.43 9.40 0.72
C ALA A 227 -5.37 10.30 -0.09
N ILE A 228 -4.88 11.33 -0.77
CA ILE A 228 -5.75 12.05 -1.71
C ILE A 228 -6.32 11.06 -2.71
N ASN A 229 -7.60 11.23 -3.05
CA ASN A 229 -8.28 10.36 -4.01
C ASN A 229 -8.83 11.20 -5.12
N PRO A 230 -8.08 11.27 -6.23
CA PRO A 230 -8.53 12.05 -7.37
C PRO A 230 -9.78 11.52 -8.09
N SER A 231 -10.30 10.35 -7.73
CA SER A 231 -11.39 9.74 -8.50
C SER A 231 -12.69 10.51 -8.37
N ILE A 232 -13.25 10.88 -9.51
CA ILE A 232 -14.60 11.44 -9.54
C ILE A 232 -15.59 10.30 -9.67
N ASP A 233 -15.29 9.37 -10.56
CA ASP A 233 -16.02 8.13 -10.69
C ASP A 233 -15.15 7.04 -11.31
N LEU A 234 -15.76 5.92 -11.70
CA LEU A 234 -15.01 4.78 -12.23
C LEU A 234 -14.22 5.15 -13.49
N HIS A 235 -14.72 6.15 -14.22
CA HIS A 235 -14.19 6.48 -15.55
C HIS A 235 -13.32 7.74 -15.55
N THR A 236 -13.34 8.48 -14.46
CA THR A 236 -12.93 9.86 -14.50
C THR A 236 -12.15 10.25 -13.26
N ASP A 237 -10.97 10.80 -13.42
CA ASP A 237 -10.22 11.41 -12.33
C ASP A 237 -10.21 12.91 -12.51
N SER A 238 -10.16 13.61 -11.39
CA SER A 238 -9.91 15.06 -11.37
C SER A 238 -8.46 15.38 -11.76
N LEU A 239 -8.28 16.08 -12.87
CA LEU A 239 -6.93 16.45 -13.23
C LEU A 239 -6.31 17.37 -12.19
N GLU A 240 -7.16 18.18 -11.55
CA GLU A 240 -6.73 19.16 -10.58
C GLU A 240 -6.13 18.44 -9.36
N LEU A 241 -6.83 17.39 -8.92
CA LEU A 241 -6.33 16.66 -7.74
C LEU A 241 -5.14 15.80 -8.09
N LEU A 242 -5.08 15.25 -9.31
CA LEU A 242 -3.88 14.52 -9.75
C LEU A 242 -2.67 15.45 -9.71
N GLN A 243 -2.84 16.65 -10.27
CA GLN A 243 -1.76 17.65 -10.27
C GLN A 243 -1.37 18.07 -8.86
N LEU A 244 -2.36 18.29 -7.98
CA LEU A 244 -2.06 18.67 -6.60
C LEU A 244 -1.24 17.58 -5.89
N GLN A 245 -1.72 16.35 -5.99
CA GLN A 245 -1.08 15.21 -5.36
C GLN A 245 0.35 15.06 -5.87
N GLN A 246 0.55 15.21 -7.20
CA GLN A 246 1.85 15.04 -7.84
C GLN A 246 2.80 16.16 -7.34
N LYS A 247 2.33 17.41 -7.32
CA LYS A 247 3.15 18.51 -6.82
C LYS A 247 3.49 18.37 -5.35
N LEU A 248 2.55 17.89 -4.53
CA LEU A 248 2.82 17.73 -3.12
C LEU A 248 3.82 16.59 -2.85
N LEU A 249 3.70 15.52 -3.62
CA LEU A 249 4.67 14.45 -3.53
C LEU A 249 6.04 14.92 -3.98
N TRP A 250 6.13 15.75 -5.02
CA TRP A 250 7.46 16.27 -5.35
C TRP A 250 8.04 17.18 -4.28
N LEU A 251 7.20 17.99 -3.66
CA LEU A 251 7.64 18.83 -2.52
C LEU A 251 8.21 17.98 -1.40
N LEU A 252 7.47 16.94 -1.04
CA LEU A 252 7.93 16.05 -0.01
C LEU A 252 9.21 15.33 -0.44
N TYR A 253 9.26 14.88 -1.68
CA TYR A 253 10.47 14.19 -2.21
C TYR A 253 11.73 15.10 -2.06
N ASP A 254 11.57 16.37 -2.48
CA ASP A 254 12.70 17.31 -2.47
C ASP A 254 13.16 17.63 -1.08
N LEU A 255 12.26 17.58 -0.10
CA LEU A 255 12.60 17.87 1.29
C LEU A 255 13.14 16.65 2.02
N GLY A 256 13.15 15.48 1.35
CA GLY A 256 13.65 14.27 1.96
C GLY A 256 12.65 13.38 2.66
N HIS A 257 11.39 13.76 2.62
CA HIS A 257 10.40 13.09 3.45
C HIS A 257 9.78 11.86 2.82
N LEU A 258 10.17 11.49 1.62
CA LEU A 258 9.76 10.20 1.03
C LEU A 258 10.86 9.13 1.17
N GLU A 259 11.98 9.49 1.77
CA GLU A 259 13.10 8.56 1.87
C GLU A 259 12.78 7.25 2.48
N ARG A 260 11.92 7.26 3.49
CA ARG A 260 11.53 6.07 4.21
C ARG A 260 10.06 5.67 3.89
N TYR A 261 9.58 6.01 2.71
CA TYR A 261 8.16 5.78 2.38
C TYR A 261 8.07 5.13 0.98
N PRO A 262 8.42 3.85 0.89
CA PRO A 262 8.36 3.16 -0.40
C PRO A 262 7.14 3.36 -1.22
N MET A 263 5.96 3.18 -0.65
CA MET A 263 4.75 3.26 -1.45
C MET A 263 4.44 4.65 -1.96
N ALA A 264 4.88 5.68 -1.27
CA ALA A 264 4.72 7.05 -1.76
C ALA A 264 5.54 7.27 -3.02
N LEU A 265 6.71 6.67 -3.06
CA LEU A 265 7.52 6.71 -4.29
C LEU A 265 6.86 6.00 -5.47
N GLY A 266 6.22 4.86 -5.21
CA GLY A 266 5.45 4.19 -6.21
C GLY A 266 4.27 5.03 -6.68
N ASN A 267 3.55 5.67 -5.75
CA ASN A 267 2.45 6.59 -6.11
C ASN A 267 2.94 7.68 -7.07
N LEU A 268 4.07 8.28 -6.70
CA LEU A 268 4.63 9.36 -7.47
C LEU A 268 5.04 8.86 -8.84
N ALA A 269 5.66 7.69 -8.90
CA ALA A 269 6.02 7.11 -10.21
C ALA A 269 4.80 6.90 -11.09
N ASP A 270 3.70 6.38 -10.52
CA ASP A 270 2.50 6.20 -11.27
C ASP A 270 1.96 7.54 -11.83
N LEU A 271 2.07 8.61 -11.03
CA LEU A 271 1.60 9.94 -11.43
C LEU A 271 2.47 10.46 -12.58
N GLU A 272 3.78 10.22 -12.49
CA GLU A 272 4.71 10.63 -13.56
C GLU A 272 4.48 9.84 -14.82
N GLU A 273 4.12 8.58 -14.73
CA GLU A 273 3.77 7.81 -15.92
C GLU A 273 2.58 8.42 -16.63
N LEU A 274 1.59 8.80 -15.86
CA LEU A 274 0.41 9.43 -16.38
C LEU A 274 0.70 10.77 -17.06
N GLU A 275 1.50 11.63 -16.40
CA GLU A 275 1.77 12.98 -16.88
C GLU A 275 3.14 13.39 -16.39
N PRO A 276 4.18 13.14 -17.20
CA PRO A 276 5.53 13.38 -16.73
C PRO A 276 5.84 14.82 -16.50
N THR A 277 6.56 15.11 -15.43
CA THR A 277 7.02 16.46 -15.10
C THR A 277 8.38 16.68 -15.75
N PRO A 278 8.54 17.72 -16.60
CA PRO A 278 9.87 17.90 -17.18
C PRO A 278 10.97 18.14 -16.17
N GLY A 279 12.11 17.50 -16.40
CA GLY A 279 13.24 17.62 -15.55
C GLY A 279 13.32 16.67 -14.39
N ARG A 280 12.28 15.84 -14.24
CA ARG A 280 12.20 14.90 -13.13
C ARG A 280 12.62 13.49 -13.55
N PRO A 281 13.02 12.64 -12.58
CA PRO A 281 13.32 11.23 -12.84
C PRO A 281 12.19 10.51 -13.50
N ASP A 282 12.50 9.54 -14.35
CA ASP A 282 11.53 8.69 -14.99
C ASP A 282 10.80 7.85 -13.96
N PRO A 283 9.60 7.40 -14.33
CA PRO A 283 8.87 6.44 -13.44
C PRO A 283 9.73 5.27 -13.01
N LEU A 284 10.47 4.66 -13.94
CA LEU A 284 11.30 3.52 -13.56
C LEU A 284 12.30 3.85 -12.49
N THR A 285 12.97 5.00 -12.58
CA THR A 285 13.87 5.42 -11.56
C THR A 285 13.16 5.48 -10.17
N LEU A 286 11.97 6.04 -10.17
CA LEU A 286 11.21 6.19 -8.95
C LEU A 286 10.76 4.87 -8.41
N TYR A 287 10.33 3.96 -9.29
CA TYR A 287 9.95 2.63 -8.76
C TYR A 287 11.16 2.00 -8.09
N HIS A 288 12.32 2.12 -8.72
CA HIS A 288 13.51 1.56 -8.13
C HIS A 288 14.00 2.24 -6.85
N LYS A 289 13.73 3.54 -6.67
CA LYS A 289 14.00 4.23 -5.45
C LYS A 289 13.06 3.71 -4.34
N GLY A 290 11.84 3.41 -4.71
CA GLY A 290 10.87 2.77 -3.77
C GLY A 290 11.37 1.44 -3.25
N ILE A 291 11.85 0.59 -4.17
CA ILE A 291 12.47 -0.67 -3.77
C ILE A 291 13.73 -0.46 -2.91
N ALA A 292 14.57 0.50 -3.31
CA ALA A 292 15.74 0.77 -2.52
C ALA A 292 15.43 1.23 -1.10
N SER A 293 14.36 2.02 -0.98
CA SER A 293 13.88 2.47 0.33
C SER A 293 13.47 1.28 1.21
N ALA A 294 12.74 0.36 0.58
CA ALA A 294 12.31 -0.87 1.31
C ALA A 294 13.51 -1.72 1.74
N LYS A 295 14.51 -1.81 0.86
CA LYS A 295 15.70 -2.60 1.19
C LYS A 295 16.51 -1.95 2.29
N THR A 296 16.58 -0.63 2.25
CA THR A 296 17.42 0.14 3.18
C THR A 296 16.85 0.25 4.58
N TYR A 297 15.53 0.57 4.63
CA TYR A 297 14.90 0.86 5.87
C TYR A 297 14.02 -0.23 6.47
N TYR A 298 13.60 -1.18 5.63
CA TYR A 298 12.59 -2.14 6.05
C TYR A 298 12.99 -3.56 5.75
N ARG A 299 14.30 -3.82 5.66
CA ARG A 299 14.82 -5.20 5.53
C ARG A 299 14.32 -5.92 4.27
N ASP A 300 13.92 -5.16 3.25
CA ASP A 300 13.34 -5.74 2.06
C ASP A 300 12.17 -6.69 2.36
N GLU A 301 11.30 -6.28 3.24
N GLU A 301 11.32 -6.29 3.29
CA GLU A 301 10.18 -7.09 3.68
CA GLU A 301 10.18 -7.07 3.75
C GLU A 301 8.83 -6.56 3.21
C GLU A 301 8.83 -6.59 3.18
N HIS A 302 8.86 -5.63 2.26
CA HIS A 302 7.63 -5.06 1.67
C HIS A 302 7.32 -5.62 0.32
N ILE A 303 6.05 -5.82 0.01
CA ILE A 303 5.65 -6.37 -1.27
C ILE A 303 5.29 -5.34 -2.33
N TYR A 304 4.65 -4.25 -1.94
CA TYR A 304 4.16 -3.35 -2.94
C TYR A 304 5.23 -2.63 -3.77
N PRO A 305 6.43 -2.41 -3.24
CA PRO A 305 7.42 -1.73 -4.13
C PRO A 305 7.67 -2.55 -5.39
N TYR A 306 7.71 -3.87 -5.26
CA TYR A 306 7.89 -4.75 -6.41
C TYR A 306 6.61 -4.83 -7.24
N MET A 307 5.43 -4.91 -6.59
CA MET A 307 4.17 -4.90 -7.35
C MET A 307 4.04 -3.65 -8.19
N TYR A 308 4.36 -2.50 -7.63
CA TYR A 308 4.30 -1.24 -8.39
C TYR A 308 5.18 -1.33 -9.65
N LEU A 309 6.38 -1.85 -9.46
CA LEU A 309 7.31 -1.99 -10.60
C LEU A 309 6.75 -2.94 -11.64
N ALA A 310 6.28 -4.10 -11.20
CA ALA A 310 5.70 -5.09 -12.12
C ALA A 310 4.53 -4.51 -12.86
N GLY A 311 3.63 -3.75 -12.20
CA GLY A 311 2.51 -3.16 -12.89
C GLY A 311 2.89 -2.22 -14.00
N TYR A 312 3.92 -1.43 -13.74
CA TYR A 312 4.44 -0.55 -14.79
C TYR A 312 4.95 -1.35 -15.98
N HIS A 313 5.73 -2.39 -15.74
CA HIS A 313 6.25 -3.21 -16.84
C HIS A 313 5.12 -3.90 -17.56
N CYS A 314 4.14 -4.39 -16.83
CA CYS A 314 2.97 -5.03 -17.39
C CYS A 314 2.19 -4.08 -18.32
N ARG A 315 1.97 -2.83 -17.89
CA ARG A 315 1.23 -1.85 -18.71
C ARG A 315 2.00 -1.51 -19.98
N ASN A 316 3.31 -1.59 -19.90
CA ASN A 316 4.18 -1.26 -21.03
C ASN A 316 4.54 -2.53 -21.80
N ARG A 317 3.90 -3.64 -21.44
CA ARG A 317 4.08 -4.95 -22.09
C ARG A 317 5.55 -5.35 -22.15
N ASN A 318 6.30 -4.99 -21.10
CA ASN A 318 7.67 -5.40 -20.88
CA ASN A 318 7.64 -5.47 -20.93
C ASN A 318 7.59 -6.77 -20.12
N VAL A 319 7.29 -7.86 -20.81
CA VAL A 319 7.02 -9.16 -20.17
C VAL A 319 8.16 -9.65 -19.28
N ARG A 320 9.37 -9.59 -19.78
CA ARG A 320 10.52 -10.06 -19.06
C ARG A 320 10.67 -9.35 -17.71
N GLU A 321 10.57 -8.04 -17.73
CA GLU A 321 10.85 -7.30 -16.50
CA GLU A 321 10.80 -7.21 -16.56
C GLU A 321 9.63 -7.35 -15.57
N ALA A 322 8.44 -7.50 -16.11
CA ALA A 322 7.22 -7.74 -15.29
C ALA A 322 7.38 -9.06 -14.55
N LEU A 323 7.71 -10.13 -15.27
CA LEU A 323 7.96 -11.41 -14.64
C LEU A 323 9.06 -11.34 -13.58
N GLN A 324 10.17 -10.64 -13.89
CA GLN A 324 11.19 -10.53 -12.88
C GLN A 324 10.68 -9.85 -11.61
N ALA A 325 9.93 -8.79 -11.76
CA ALA A 325 9.41 -8.06 -10.62
C ALA A 325 8.39 -8.91 -9.83
N TRP A 326 7.59 -9.67 -10.50
CA TRP A 326 6.65 -10.53 -9.75
C TRP A 326 7.43 -11.66 -9.09
N ALA A 327 8.49 -12.20 -9.71
CA ALA A 327 9.33 -13.20 -9.00
C ALA A 327 9.87 -12.55 -7.74
N ASP A 328 10.25 -11.26 -7.80
CA ASP A 328 10.78 -10.59 -6.64
C ASP A 328 9.73 -10.41 -5.56
N THR A 329 8.49 -10.14 -5.96
CA THR A 329 7.40 -10.06 -4.96
C THR A 329 7.32 -11.38 -4.18
N ALA A 330 7.36 -12.49 -4.94
CA ALA A 330 7.30 -13.83 -4.33
C ALA A 330 8.47 -14.13 -3.41
N THR A 331 9.65 -13.62 -3.75
CA THR A 331 10.82 -13.85 -2.96
C THR A 331 10.72 -13.10 -1.61
N VAL A 332 9.99 -11.99 -1.56
CA VAL A 332 9.65 -11.34 -0.30
C VAL A 332 8.64 -12.15 0.49
N ILE A 333 7.52 -12.52 -0.14
CA ILE A 333 6.44 -13.19 0.59
C ILE A 333 6.85 -14.53 1.17
N GLN A 334 7.85 -15.15 0.59
CA GLN A 334 8.18 -16.56 0.97
C GLN A 334 8.56 -16.66 2.44
N ASP A 335 9.07 -15.58 3.01
CA ASP A 335 9.51 -15.59 4.40
C ASP A 335 8.49 -15.11 5.38
N TYR A 336 7.24 -15.08 4.97
CA TYR A 336 6.11 -14.77 5.84
C TYR A 336 5.28 -16.02 6.07
N ASN A 337 4.50 -16.02 7.13
CA ASN A 337 3.41 -16.98 7.31
C ASN A 337 2.09 -16.38 6.88
N TYR A 338 1.29 -17.11 6.12
CA TYR A 338 0.01 -16.63 5.66
C TYR A 338 -1.00 -16.77 6.76
N CYS A 339 -1.41 -15.66 7.32
CA CYS A 339 -2.27 -15.62 8.46
C CYS A 339 -3.64 -15.03 8.15
N ARG A 340 -4.55 -15.26 9.06
CA ARG A 340 -5.81 -14.65 9.00
C ARG A 340 -5.48 -13.16 9.00
N GLU A 341 -6.24 -12.42 8.21
CA GLU A 341 -6.10 -10.98 8.09
C GLU A 341 -5.09 -10.57 7.05
N ASP A 342 -4.43 -11.52 6.41
CA ASP A 342 -3.57 -11.26 5.28
C ASP A 342 -4.28 -11.35 3.90
N GLU A 343 -5.59 -11.40 3.89
CA GLU A 343 -6.28 -11.70 2.62
C GLU A 343 -6.02 -10.73 1.50
N GLU A 344 -5.70 -9.48 1.79
CA GLU A 344 -5.44 -8.54 0.69
C GLU A 344 -4.22 -8.94 -0.12
N ILE A 345 -3.17 -9.42 0.51
CA ILE A 345 -1.98 -9.86 -0.28
C ILE A 345 -2.22 -11.17 -0.98
N TYR A 346 -2.98 -12.08 -0.38
CA TYR A 346 -3.44 -13.25 -1.11
C TYR A 346 -4.17 -12.86 -2.37
N LYS A 347 -5.06 -11.85 -2.29
CA LYS A 347 -5.78 -11.39 -3.44
C LYS A 347 -4.82 -10.89 -4.53
N GLU A 348 -3.82 -10.11 -4.17
CA GLU A 348 -2.86 -9.62 -5.16
C GLU A 348 -2.15 -10.78 -5.86
N PHE A 349 -1.61 -11.72 -5.06
CA PHE A 349 -0.94 -12.84 -5.67
C PHE A 349 -1.86 -13.67 -6.54
N PHE A 350 -3.08 -13.94 -6.04
CA PHE A 350 -4.05 -14.69 -6.84
C PHE A 350 -4.34 -14.03 -8.19
N GLU A 351 -4.55 -12.72 -8.18
CA GLU A 351 -4.90 -11.99 -9.40
C GLU A 351 -3.70 -12.00 -10.35
N VAL A 352 -2.48 -11.86 -9.81
CA VAL A 352 -1.32 -11.89 -10.67
C VAL A 352 -1.12 -13.24 -11.34
N ALA A 353 -1.26 -14.28 -10.52
CA ALA A 353 -1.06 -15.63 -11.06
C ALA A 353 -2.14 -16.08 -12.01
N ASN A 354 -3.38 -15.73 -11.69
CA ASN A 354 -4.51 -16.35 -12.32
C ASN A 354 -5.27 -15.48 -13.28
N ASP A 355 -4.88 -14.22 -13.39
CA ASP A 355 -5.48 -13.29 -14.35
C ASP A 355 -4.43 -12.51 -15.12
N VAL A 356 -3.57 -11.80 -14.42
CA VAL A 356 -2.63 -10.85 -15.09
C VAL A 356 -1.58 -11.61 -15.91
N ILE A 357 -0.88 -12.56 -15.31
CA ILE A 357 0.10 -13.30 -16.05
C ILE A 357 -0.55 -14.06 -17.20
N PRO A 358 -1.68 -14.73 -16.99
CA PRO A 358 -2.27 -15.43 -18.15
C PRO A 358 -2.58 -14.49 -19.32
N ASN A 359 -3.07 -13.33 -19.02
CA ASN A 359 -3.42 -12.41 -20.10
C ASN A 359 -2.21 -11.87 -20.84
N LEU A 360 -1.17 -11.64 -20.10
CA LEU A 360 0.08 -11.19 -20.66
C LEU A 360 0.73 -12.23 -21.55
N LEU A 361 0.71 -13.48 -21.11
CA LEU A 361 1.32 -14.50 -21.88
C LEU A 361 0.49 -14.89 -23.09
N LYS A 362 -0.83 -14.77 -22.97
CA LYS A 362 -1.73 -14.99 -24.12
C LYS A 362 -1.40 -14.04 -25.28
N GLU A 363 -1.26 -12.77 -24.95
CA GLU A 363 -0.85 -11.77 -25.95
C GLU A 363 0.53 -12.12 -26.49
N ALA A 364 1.46 -12.43 -25.58
CA ALA A 364 2.81 -12.75 -26.03
C ALA A 364 2.78 -13.91 -27.01
N ALA A 365 1.95 -14.90 -26.77
CA ALA A 365 1.82 -16.04 -27.64
C ALA A 365 1.33 -15.66 -29.06
N SER A 366 0.34 -14.78 -29.09
CA SER A 366 -0.16 -14.26 -30.33
C SER A 366 0.90 -13.50 -31.10
N LEU A 367 1.71 -12.72 -30.39
CA LEU A 367 2.76 -11.92 -31.01
C LEU A 367 3.86 -12.83 -31.52
N LEU A 368 4.18 -13.89 -30.77
CA LEU A 368 5.15 -14.87 -31.24
C LEU A 368 4.70 -15.55 -32.51
N GLU A 369 3.44 -15.92 -32.59
CA GLU A 369 2.86 -16.50 -33.81
C GLU A 369 3.06 -15.58 -35.01
N ALA A 370 2.99 -14.29 -34.77
CA ALA A 370 3.16 -13.27 -35.76
C ALA A 370 4.62 -12.89 -36.00
N GLY A 371 5.53 -13.56 -35.35
CA GLY A 371 6.94 -13.42 -35.66
C GLY A 371 7.77 -12.52 -34.81
N SER A 372 7.31 -12.19 -33.61
CA SER A 372 8.10 -11.38 -32.76
C SER A 372 9.43 -12.06 -32.43
N GLN A 373 10.46 -11.24 -32.33
CA GLN A 373 11.79 -11.64 -31.96
C GLN A 373 12.07 -11.11 -30.56
N GLY A 374 12.92 -11.85 -29.87
CA GLY A 374 13.31 -11.50 -28.52
C GLY A 374 12.16 -11.70 -27.53
N SER A 375 11.15 -12.46 -27.94
CA SER A 375 9.98 -12.76 -27.08
C SER A 375 10.37 -13.33 -25.71
N ALA A 376 9.70 -12.89 -24.65
CA ALA A 376 9.89 -13.49 -23.34
C ALA A 376 9.59 -14.99 -23.44
N LEU A 377 8.73 -15.44 -24.34
CA LEU A 377 8.30 -16.86 -24.37
C LEU A 377 9.42 -17.72 -24.94
N GLN A 378 10.40 -17.09 -25.58
CA GLN A 378 11.60 -17.81 -26.05
C GLN A 378 12.81 -17.57 -25.17
N ASP A 379 12.62 -16.91 -24.02
CA ASP A 379 13.71 -16.58 -23.16
C ASP A 379 13.70 -17.44 -21.94
N PRO A 380 14.62 -18.40 -21.78
CA PRO A 380 14.57 -19.23 -20.59
C PRO A 380 14.67 -18.46 -19.29
N GLU A 381 15.31 -17.29 -19.28
CA GLU A 381 15.33 -16.48 -18.07
C GLU A 381 13.93 -16.02 -17.64
N CYS A 382 13.06 -15.81 -18.59
CA CYS A 382 11.67 -15.48 -18.33
C CYS A 382 10.95 -16.68 -17.76
N PHE A 383 11.16 -17.88 -18.31
CA PHE A 383 10.60 -19.07 -17.70
C PHE A 383 11.09 -19.20 -16.27
N ALA A 384 12.37 -18.97 -16.03
CA ALA A 384 12.90 -19.02 -14.66
C ALA A 384 12.20 -18.04 -13.69
N HIS A 385 11.89 -16.83 -14.18
CA HIS A 385 11.13 -15.90 -13.35
C HIS A 385 9.76 -16.45 -13.00
N LEU A 386 9.05 -17.03 -13.96
CA LEU A 386 7.74 -17.61 -13.68
C LEU A 386 7.90 -18.67 -12.62
N LEU A 387 8.91 -19.51 -12.76
CA LEU A 387 9.12 -20.58 -11.78
C LEU A 387 9.45 -20.02 -10.41
N ARG A 388 10.24 -18.97 -10.35
CA ARG A 388 10.60 -18.36 -9.05
C ARG A 388 9.36 -17.73 -8.36
N PHE A 389 8.46 -17.16 -9.13
CA PHE A 389 7.22 -16.60 -8.65
C PHE A 389 6.46 -17.74 -7.96
N TYR A 390 6.21 -18.88 -8.63
CA TYR A 390 5.50 -19.95 -7.98
C TYR A 390 6.27 -20.51 -6.83
N ASP A 391 7.59 -20.63 -6.93
CA ASP A 391 8.37 -21.09 -5.76
C ASP A 391 8.16 -20.28 -4.50
N GLY A 392 8.13 -18.96 -4.62
CA GLY A 392 7.95 -18.11 -3.46
C GLY A 392 6.58 -18.28 -2.85
N ILE A 393 5.56 -18.44 -3.68
CA ILE A 393 4.21 -18.63 -3.22
C ILE A 393 4.16 -19.97 -2.49
N CYS A 394 4.74 -21.03 -3.08
CA CYS A 394 4.76 -22.30 -2.37
C CYS A 394 5.53 -22.22 -1.06
N LYS A 395 6.63 -21.51 -1.00
CA LYS A 395 7.42 -21.40 0.23
C LYS A 395 6.63 -20.59 1.29
N TRP A 396 5.92 -19.55 0.90
CA TRP A 396 5.03 -18.79 1.76
C TRP A 396 4.10 -19.71 2.51
N GLU A 397 3.49 -20.65 1.76
CA GLU A 397 2.52 -21.56 2.33
C GLU A 397 3.14 -22.48 3.37
N GLU A 398 4.41 -22.83 3.25
CA GLU A 398 5.02 -23.75 4.23
C GLU A 398 5.03 -23.17 5.61
N GLY A 399 4.48 -23.97 6.54
CA GLY A 399 4.44 -23.54 7.93
C GLY A 399 3.35 -22.53 8.26
N SER A 400 2.51 -22.17 7.30
CA SER A 400 1.48 -21.20 7.54
C SER A 400 0.30 -21.87 8.21
N PRO A 401 -0.45 -21.10 8.99
CA PRO A 401 -1.58 -21.70 9.71
C PRO A 401 -2.75 -22.00 8.77
N THR A 402 -2.73 -21.37 7.60
CA THR A 402 -3.75 -21.57 6.60
C THR A 402 -3.07 -21.76 5.24
N PRO A 403 -3.55 -22.70 4.41
CA PRO A 403 -2.96 -22.90 3.08
C PRO A 403 -3.22 -21.80 2.09
N VAL A 404 -2.40 -21.80 1.05
CA VAL A 404 -2.50 -20.77 0.01
C VAL A 404 -3.03 -21.37 -1.28
N LEU A 405 -2.39 -22.43 -1.74
CA LEU A 405 -2.69 -23.02 -3.02
C LEU A 405 -3.88 -23.97 -2.96
N HIS A 406 -4.58 -24.00 -4.06
CA HIS A 406 -5.66 -24.96 -4.29
C HIS A 406 -5.78 -25.22 -5.76
N VAL A 407 -6.65 -26.17 -6.17
CA VAL A 407 -6.68 -26.60 -7.56
C VAL A 407 -7.05 -25.51 -8.56
N GLY A 408 -7.74 -24.51 -8.03
CA GLY A 408 -8.10 -23.33 -8.79
C GLY A 408 -6.93 -22.59 -9.32
N TRP A 409 -5.75 -22.75 -8.69
CA TRP A 409 -4.47 -22.19 -9.17
C TRP A 409 -3.77 -23.11 -10.18
N ALA A 410 -4.06 -24.39 -10.06
CA ALA A 410 -3.36 -25.37 -10.86
C ALA A 410 -3.62 -25.27 -12.35
N THR A 411 -4.82 -24.99 -12.78
CA THR A 411 -5.12 -24.88 -14.21
C THR A 411 -4.31 -23.75 -14.86
N PHE A 412 -4.20 -22.64 -14.13
CA PHE A 412 -3.46 -21.51 -14.64
C PHE A 412 -2.00 -21.79 -14.68
N LEU A 413 -1.45 -22.46 -13.68
CA LEU A 413 -0.04 -22.84 -13.73
C LEU A 413 0.25 -23.68 -14.95
N VAL A 414 -0.56 -24.72 -15.18
CA VAL A 414 -0.34 -25.59 -16.36
C VAL A 414 -0.37 -24.77 -17.65
N GLN A 415 -1.33 -23.87 -17.73
CA GLN A 415 -1.49 -23.07 -18.94
C GLN A 415 -0.30 -22.16 -19.12
N SER A 416 0.14 -21.51 -18.05
CA SER A 416 1.28 -20.60 -18.15
C SER A 416 2.56 -21.33 -18.50
N LEU A 417 2.80 -22.47 -17.89
CA LEU A 417 4.00 -23.28 -18.23
C LEU A 417 3.98 -23.64 -19.68
N GLY A 418 2.82 -24.00 -20.19
CA GLY A 418 2.64 -24.43 -21.58
C GLY A 418 2.90 -23.35 -22.61
N ARG A 419 2.86 -22.09 -22.19
CA ARG A 419 3.13 -20.98 -23.10
C ARG A 419 4.55 -20.94 -23.56
N PHE A 420 5.41 -21.61 -22.80
CA PHE A 420 6.80 -21.78 -23.15
C PHE A 420 7.02 -23.13 -23.81
N GLU A 421 7.63 -23.14 -24.98
CA GLU A 421 7.92 -24.37 -25.62
C GLU A 421 8.92 -25.24 -24.81
N GLY A 422 8.84 -26.55 -24.96
CA GLY A 422 9.73 -27.45 -24.23
C GLY A 422 11.19 -27.13 -24.41
N GLN A 423 11.59 -26.75 -25.63
CA GLN A 423 12.97 -26.41 -25.88
C GLN A 423 13.45 -25.17 -25.13
N VAL A 424 12.54 -24.27 -24.79
CA VAL A 424 12.88 -23.14 -23.96
C VAL A 424 12.96 -23.57 -22.50
N ARG A 425 11.97 -24.33 -22.07
CA ARG A 425 11.90 -24.80 -20.70
C ARG A 425 13.12 -25.67 -20.30
N GLN A 426 13.56 -26.48 -21.25
CA GLN A 426 14.75 -27.34 -21.07
C GLN A 426 16.03 -26.59 -20.77
N LYS A 427 16.11 -25.31 -21.13
CA LYS A 427 17.33 -24.54 -20.95
C LYS A 427 17.52 -24.04 -19.52
N VAL A 428 16.49 -24.10 -18.67
CA VAL A 428 16.71 -23.65 -17.29
C VAL A 428 17.31 -24.82 -16.48
N ARG A 429 18.43 -24.58 -15.80
CA ARG A 429 19.05 -25.56 -14.92
C ARG A 429 18.56 -25.29 -13.50
N ILE A 430 17.88 -26.29 -12.98
CA ILE A 430 17.37 -26.24 -11.64
C ILE A 430 18.37 -26.97 -10.75
N VAL A 431 19.07 -26.17 -9.94
CA VAL A 431 20.15 -26.66 -9.09
C VAL A 431 19.72 -26.71 -7.63
N SER A 432 20.23 -27.71 -6.94
CA SER A 432 19.92 -27.94 -5.58
C SER A 432 20.93 -27.33 -4.65
C GLY A 444 21.80 -20.33 -17.94
N PRO A 445 20.49 -20.30 -17.88
CA PRO A 445 19.85 -19.94 -16.63
C PRO A 445 19.94 -21.01 -15.61
N VAL A 446 20.08 -20.54 -14.38
CA VAL A 446 20.11 -21.39 -13.25
C VAL A 446 19.13 -20.84 -12.25
N LEU A 447 18.51 -21.73 -11.55
CA LEU A 447 17.51 -21.37 -10.57
C LEU A 447 17.61 -22.39 -9.44
N THR A 448 17.48 -21.92 -8.19
CA THR A 448 17.34 -22.83 -7.04
C THR A 448 15.96 -22.65 -6.44
N PHE A 449 15.29 -23.75 -6.16
CA PHE A 449 13.98 -23.68 -5.51
C PHE A 449 14.11 -23.73 -3.99
N GLN A 450 13.33 -22.91 -3.30
CA GLN A 450 13.25 -22.94 -1.85
C GLN A 450 12.13 -23.82 -1.36
N SER A 451 11.08 -23.99 -2.15
CA SER A 451 9.91 -24.73 -1.67
C SER A 451 10.00 -26.20 -2.05
N GLU A 452 9.48 -27.06 -1.15
CA GLU A 452 9.42 -28.46 -1.46
C GLU A 452 8.44 -28.78 -2.61
N LYS A 453 7.36 -28.01 -2.74
CA LYS A 453 6.45 -28.23 -3.83
C LYS A 453 7.17 -28.08 -5.16
N MET A 454 7.92 -27.00 -5.35
CA MET A 454 8.59 -26.83 -6.62
C MET A 454 9.73 -27.81 -6.87
N LYS A 455 10.40 -28.20 -5.81
CA LYS A 455 11.47 -29.21 -5.96
C LYS A 455 10.88 -30.50 -6.49
N GLY A 456 9.71 -30.87 -5.99
CA GLY A 456 9.11 -32.09 -6.55
C GLY A 456 8.55 -31.96 -7.94
N MET A 457 8.34 -30.71 -8.34
CA MET A 457 7.75 -30.47 -9.65
CA MET A 457 7.76 -30.39 -9.64
C MET A 457 8.80 -30.42 -10.73
N LYS A 458 10.08 -30.35 -10.34
CA LYS A 458 11.19 -30.12 -11.29
C LYS A 458 11.15 -31.07 -12.51
N GLU A 459 11.00 -32.36 -12.19
CA GLU A 459 10.84 -33.47 -13.11
C GLU A 459 9.80 -33.26 -14.20
N LEU A 460 8.76 -32.49 -13.94
CA LEU A 460 7.64 -32.31 -14.82
C LEU A 460 7.82 -31.07 -15.71
N LEU A 461 8.83 -30.27 -15.42
CA LEU A 461 8.88 -28.93 -16.06
C LEU A 461 9.46 -28.87 -17.43
N VAL A 462 10.08 -29.95 -17.96
CA VAL A 462 10.73 -29.96 -19.33
C VAL A 462 10.12 -30.84 -20.42
N ALA A 463 9.10 -31.62 -20.08
CA ALA A 463 8.41 -32.44 -21.07
C ALA A 463 7.78 -31.58 -22.13
N THR A 464 7.82 -32.03 -23.39
CA THR A 464 7.23 -31.27 -24.49
C THR A 464 5.79 -30.97 -24.22
N LYS A 465 5.05 -31.96 -23.74
CA LYS A 465 3.69 -31.77 -23.28
C LYS A 465 3.72 -31.99 -21.77
N ILE A 466 3.32 -30.95 -21.08
CA ILE A 466 3.27 -30.93 -19.65
C ILE A 466 2.22 -31.94 -19.19
N ASN A 467 2.61 -32.74 -18.19
CA ASN A 467 1.66 -33.66 -17.55
C ASN A 467 0.78 -32.89 -16.58
N SER A 468 -0.37 -32.43 -17.04
CA SER A 468 -1.25 -31.58 -16.28
C SER A 468 -1.74 -32.19 -14.97
N SER A 469 -2.12 -33.48 -15.01
CA SER A 469 -2.65 -34.11 -13.82
CA SER A 469 -2.62 -34.13 -13.81
C SER A 469 -1.53 -34.20 -12.74
N ALA A 470 -0.33 -34.57 -13.16
CA ALA A 470 0.80 -34.71 -12.21
C ALA A 470 1.15 -33.33 -11.61
N ILE A 471 1.13 -32.29 -12.43
CA ILE A 471 1.32 -30.91 -11.91
C ILE A 471 0.32 -30.53 -10.88
N LYS A 472 -0.96 -30.79 -11.19
CA LYS A 472 -2.01 -30.51 -10.24
C LYS A 472 -1.79 -31.24 -8.92
N LEU A 473 -1.41 -32.50 -8.99
CA LEU A 473 -1.20 -33.25 -7.77
C LEU A 473 -0.06 -32.67 -6.94
N GLN A 474 0.97 -32.21 -7.62
CA GLN A 474 2.13 -31.71 -6.89
C GLN A 474 1.87 -30.33 -6.31
N LEU A 475 1.10 -29.50 -7.02
CA LEU A 475 0.84 -28.17 -6.54
C LEU A 475 -0.12 -28.14 -5.37
N THR A 476 -1.03 -29.10 -5.25
CA THR A 476 -2.11 -29.03 -4.27
C THR A 476 -1.94 -30.07 -3.21
N ALA A 477 -0.92 -30.90 -3.47
CA ALA A 477 -0.46 -32.00 -2.67
C ALA A 477 -1.64 -32.94 -2.43
N GLN A 478 -2.42 -33.10 -3.52
CA GLN A 478 -3.65 -33.91 -3.56
C GLN A 478 -3.15 -35.33 -3.53
N SER A 479 -3.78 -36.14 -2.71
CA SER A 479 -3.17 -37.45 -2.40
C SER A 479 -3.56 -38.44 -3.50
N GLN A 480 -4.81 -38.32 -3.94
CA GLN A 480 -5.52 -39.35 -4.70
C GLN A 480 -6.16 -38.86 -5.97
N VAL A 481 -6.34 -39.76 -6.92
CA VAL A 481 -7.10 -39.50 -8.14
C VAL A 481 -8.44 -40.23 -8.06
N GLN A 482 -9.33 -39.95 -8.99
CA GLN A 482 -10.70 -40.43 -8.91
C GLN A 482 -10.78 -41.96 -8.93
N MET A 483 -11.65 -42.50 -8.09
CA MET A 483 -11.75 -43.94 -7.90
C MET A 483 -12.13 -44.63 -9.18
N LYS A 484 -13.30 -44.32 -9.73
CA LYS A 484 -13.76 -44.91 -10.99
C LYS A 484 -13.01 -44.41 -12.23
N LYS A 485 -12.73 -45.34 -13.14
O1 PG4 B . -8.69 -19.92 -0.64
C1 PG4 B . -9.68 -18.95 -0.36
C2 PG4 B . -11.01 -19.52 -0.84
O2 PG4 B . -10.97 -19.71 -2.28
C3 PG4 B . -12.30 -20.05 -2.67
C4 PG4 B . -12.30 -20.01 -4.19
O3 PG4 B . -12.12 -18.66 -4.60
C5 PG4 B . -11.57 -18.63 -5.88
C6 PG4 B . -11.39 -17.17 -6.21
O4 PG4 B . -10.55 -16.55 -5.28
C7 PG4 B . -10.41 -15.20 -5.75
C8 PG4 B . -9.38 -14.49 -4.88
O5 PG4 B . -9.84 -14.20 -3.59
S SO4 C . -5.70 37.44 -1.95
O1 SO4 C . -4.82 37.49 -0.75
O2 SO4 C . -5.65 36.09 -2.55
O3 SO4 C . -7.10 37.78 -1.58
O4 SO4 C . -5.16 38.42 -2.94
S SO4 D . -3.87 -2.42 -20.69
O1 SO4 D . -2.52 -2.15 -20.12
O2 SO4 D . -3.76 -3.56 -21.61
O3 SO4 D . -4.77 -2.75 -19.55
O4 SO4 D . -4.35 -1.23 -21.44
S SO4 E . 8.91 -9.17 -24.03
O1 SO4 E . 9.60 -9.40 -22.75
O2 SO4 E . 9.90 -8.80 -25.06
O3 SO4 E . 7.92 -8.08 -23.87
O4 SO4 E . 8.21 -10.41 -24.45
S SO4 F . -5.38 -19.15 -26.08
O1 SO4 F . -5.51 -20.51 -25.48
O2 SO4 F . -4.11 -19.01 -26.82
O3 SO4 F . -5.46 -18.16 -24.98
O4 SO4 F . -6.48 -18.89 -27.03
S DMS G . -17.25 26.57 -3.30
O DMS G . -16.22 26.69 -4.38
C1 DMS G . -18.42 25.43 -3.77
C2 DMS G . -16.48 25.81 -1.99
S DMS H . 8.68 -0.18 18.53
O DMS H . 9.42 -0.51 17.31
C1 DMS H . 7.35 0.82 18.06
C2 DMS H . 7.80 -1.55 19.01
O2 PG4 I . -18.70 2.83 14.07
C3 PG4 I . -17.54 2.55 13.32
C4 PG4 I . -17.82 1.17 12.74
O3 PG4 I . -16.63 0.47 12.36
C5 PG4 I . -16.96 -0.89 12.59
C6 PG4 I . -15.91 -1.73 11.88
O4 PG4 I . -16.22 -1.85 10.51
S DMS J . -3.38 4.61 2.15
O DMS J . -3.67 3.67 1.05
C1 DMS J . -2.58 5.99 1.49
C2 DMS J . -4.78 5.44 2.65
C4 58P K . -0.14 3.43 2.43
C5 58P K . -0.76 2.45 1.70
C6 58P K . -0.68 2.53 0.31
N1 58P K . -0.02 3.54 -0.31
N3 58P K . 0.55 4.45 1.88
FAE 58P K . -2.94 2.98 5.90
CBM 58P K . -3.18 1.76 5.47
FAF 58P K . -4.04 1.93 4.55
FAG 58P K . -3.75 1.06 6.45
CAU 58P K . -1.84 1.11 5.03
CBB 58P K . -1.24 1.89 3.86
SAZ 58P K . -0.28 3.23 4.10
CAN 58P K . -1.42 1.57 2.55
C2 58P K . 0.59 4.49 0.52
NAY 58P K . -1.23 1.58 -0.46
CBI 58P K . -1.04 1.51 -1.93
CAQ 58P K . -0.75 0.08 -2.34
CAS 58P K . -0.61 -0.09 -3.86
CAP 58P K . -2.30 1.95 -2.59
CAR 58P K . -2.20 1.73 -4.09
NBJ 58P K . -1.90 0.33 -4.43
CAT 58P K . -1.78 0.19 -5.91
CBA 58P K . -1.57 -1.17 -6.44
CAL 58P K . -0.56 -1.41 -7.38
CAJ 58P K . -2.39 -2.27 -6.11
CAK 58P K . -2.17 -3.52 -6.68
CBH 58P K . -1.19 -3.67 -7.60
CBE 58P K . -0.40 -2.63 -7.95
CAM 58P K . 0.47 -3.09 -8.89
CBC 58P K . 0.18 -4.40 -9.09
CAH 58P K . 0.83 -5.33 -9.99
NAA 58P K . 1.31 -6.07 -10.67
NBK 58P K . -0.83 -4.78 -8.31
CAV 58P K . -1.47 -6.11 -8.27
CBL 58P K . -2.61 -6.12 -9.33
OAD 58P K . -3.65 -5.14 -9.04
CAO 58P K . -3.25 -7.52 -9.34
OAB 58P K . -4.48 -7.43 -10.06
O1 PG4 L . 17.23 15.02 1.52
C1 PG4 L . 16.64 15.67 0.41
C2 PG4 L . 16.60 14.53 -0.60
O2 PG4 L . 15.68 14.78 -1.72
C3 PG4 L . 15.99 13.88 -2.79
C4 PG4 L . 15.89 12.44 -2.21
O3 PG4 L . 15.91 11.43 -3.22
C5 PG4 L . 14.88 10.43 -3.13
C6 PG4 L . 15.58 9.11 -2.82
O4 PG4 L . 14.62 8.13 -2.38
C4 6E6 M . -0.14 3.44 2.43
C5 6E6 M . -0.75 2.45 1.71
C6 6E6 M . -0.64 2.50 0.34
N1 6E6 M . 0.03 3.51 -0.27
N3 6E6 M . 0.55 4.45 1.87
FAE 6E6 M . -2.83 2.91 6.07
CBM 6E6 M . -3.16 1.76 5.51
FAF 6E6 M . -4.01 2.04 4.58
FAG 6E6 M . -3.75 0.99 6.41
CAU 6E6 M . -1.88 1.08 5.00
CBB 6E6 M . -1.28 1.88 3.85
SAZ 6E6 M . -0.35 3.24 4.08
CAN 6E6 M . -1.40 1.57 2.54
C2 6E6 M . 0.63 4.48 0.50
NAY 6E6 M . -1.21 1.53 -0.42
CBI 6E6 M . -1.06 1.44 -1.89
CAQ 6E6 M . -0.80 0.01 -2.33
CAS 6E6 M . -0.60 -0.08 -3.84
CAP 6E6 M . -2.34 1.87 -2.52
CAR 6E6 M . -2.23 1.69 -4.05
NBJ 6E6 M . -1.89 0.30 -4.44
CAT 6E6 M . -1.76 0.19 -5.92
CBA 6E6 M . -1.56 -1.15 -6.45
CAL 6E6 M . -0.57 -1.39 -7.41
CAJ 6E6 M . -2.38 -2.24 -6.09
CAK 6E6 M . -2.15 -3.51 -6.67
CBH 6E6 M . -1.19 -3.67 -7.60
CBE 6E6 M . -0.40 -2.63 -7.95
CAM 6E6 M . 0.46 -3.10 -8.90
CBC 6E6 M . 0.18 -4.39 -9.08
CAH 6E6 M . 0.83 -5.33 -9.97
NAA 6E6 M . 1.31 -6.04 -10.65
NBK 6E6 M . -0.82 -4.77 -8.30
CAV 6E6 M . -1.38 -6.13 -8.29
CBL 6E6 M . -2.66 -6.09 -9.13
OAD 6E6 M . -2.36 -5.67 -10.47
CAO 6E6 M . -3.33 -7.46 -9.11
OAB 6E6 M . -4.36 -7.41 -10.12
S DMS N . -3.91 5.68 1.29
O DMS N . -3.69 4.29 0.82
C1 DMS N . -4.74 5.64 2.78
C2 DMS N . -2.42 6.33 1.80
#